data_6H0W
#
_entry.id   6H0W
#
_cell.length_a   71.482
_cell.length_b   71.482
_cell.length_c   150.707
_cell.angle_alpha   90.000
_cell.angle_beta   90.000
_cell.angle_gamma   90.000
#
_symmetry.space_group_name_H-M   'P 43 21 2'
#
loop_
_entity.id
_entity.type
_entity.pdbx_description
1 polymer 'Lysine-specific demethylase 4D'
2 non-polymer 'ZINC ION'
3 non-polymer 'SODIUM ION'
4 non-polymer 1,2-ETHANEDIOL
5 non-polymer 'SULFATE ION'
6 non-polymer 'NICKEL (II) ION'
7 non-polymer 'CHLORIDE ION'
8 non-polymer (2~{R})-3-phenyl-2-(2~{H}-1,2,3,4-tetrazol-5-yl)propanehydrazide
9 non-polymer '4-(2-HYDROXYETHYL)-1-PIPERAZINE ETHANESULFONIC ACID'
10 non-polymer [2-(2~{H}-1,2,3,4-tetrazol-5-yl)ethanoylamino]azanium
11 water water
#
_entity_poly.entity_id   1
_entity_poly.type   'polypeptide(L)'
_entity_poly.pdbx_seq_one_letter_code
;METMKSKANCAQNPNCNIMIFHPTKEEFNDFDKYIAYMESQGAHRAGLAKIIPPKEWKARETYDNISEILIATPLQQVAS
GRAGVFTQYHKKKKAMTVGEYRHLANSKKYQTPPHQNFEDLERKYWKNRIYNSPIYGADISGSLFDENTKQWNLGHLGTI
QDLLEKECGVVIEGVNTPYLYFGMWKTTFAWHTEDMDLYSINYLHLGEPKTWYVVPPEHGQRLERLARELFPGSSRGCGA
FLRHKVALISPTVLKENGIPFNRITQEAGEFMVTFPYGYHAGFNHGFNCAEAINFATPRWIDYGKMASQCSCGEARVTFS
MDAFVRILQPERYDLWKRGQDR
;
_entity_poly.pdbx_strand_id   A
#
loop_
_chem_comp.id
_chem_comp.type
_chem_comp.name
_chem_comp.formula
CL non-polymer 'CHLORIDE ION' 'Cl -1'
EDO non-polymer 1,2-ETHANEDIOL 'C2 H6 O2'
EPE non-polymer '4-(2-HYDROXYETHYL)-1-PIPERAZINE ETHANESULFONIC ACID' 'C8 H18 N2 O4 S'
FHW non-polymer (2~{R})-3-phenyl-2-(2~{H}-1,2,3,4-tetrazol-5-yl)propanehydrazide 'C10 H12 N6 O'
I1L non-polymer [2-(2~{H}-1,2,3,4-tetrazol-5-yl)ethanoylamino]azanium 'C3 H7 N6 O 1'
NA non-polymer 'SODIUM ION' 'Na 1'
NI non-polymer 'NICKEL (II) ION' 'Ni 2'
SO4 non-polymer 'SULFATE ION' 'O4 S -2'
ZN non-polymer 'ZINC ION' 'Zn 2'
#
# COMPACT_ATOMS: atom_id res chain seq x y z
N ALA A 11 18.37 -19.70 -8.96
CA ALA A 11 17.62 -18.63 -8.28
C ALA A 11 16.20 -19.03 -7.91
N GLN A 12 15.79 -18.66 -6.71
CA GLN A 12 14.49 -19.04 -6.21
C GLN A 12 13.40 -18.17 -6.81
N ASN A 13 12.26 -18.79 -7.08
CA ASN A 13 11.08 -18.12 -7.59
C ASN A 13 11.37 -17.32 -8.87
N PRO A 14 11.96 -17.95 -9.89
CA PRO A 14 12.36 -17.18 -11.09
C PRO A 14 11.20 -16.60 -11.87
N ASN A 15 10.01 -17.21 -11.80
CA ASN A 15 8.86 -16.64 -12.48
C ASN A 15 8.21 -15.52 -11.68
N CYS A 16 8.70 -15.21 -10.49
CA CYS A 16 8.21 -14.05 -9.74
C CYS A 16 6.76 -14.22 -9.30
N ASN A 17 6.37 -15.43 -8.93
CA ASN A 17 5.03 -15.66 -8.41
C ASN A 17 4.86 -15.12 -7.00
N ILE A 18 3.65 -14.69 -6.68
CA ILE A 18 3.32 -14.31 -5.30
C ILE A 18 3.31 -15.58 -4.46
N MET A 19 4.09 -15.58 -3.39
CA MET A 19 4.18 -16.70 -2.48
C MET A 19 3.35 -16.44 -1.24
N ILE A 20 2.83 -17.52 -0.66
CA ILE A 20 2.00 -17.50 0.52
C ILE A 20 2.70 -18.32 1.59
N PHE A 21 2.84 -17.75 2.79
CA PHE A 21 3.57 -18.37 3.89
C PHE A 21 2.64 -18.64 5.06
N HIS A 22 2.91 -19.75 5.73
CA HIS A 22 2.17 -20.19 6.91
C HIS A 22 3.12 -20.41 8.08
N PRO A 23 3.66 -19.34 8.67
CA PRO A 23 4.60 -19.52 9.79
C PRO A 23 3.94 -20.22 10.96
N THR A 24 4.71 -21.04 11.65
CA THR A 24 4.29 -21.56 12.94
C THR A 24 4.39 -20.46 14.01
N LYS A 25 3.81 -20.73 15.18
CA LYS A 25 3.89 -19.76 16.27
C LYS A 25 5.33 -19.48 16.66
N GLU A 26 6.20 -20.49 16.59
CA GLU A 26 7.62 -20.26 16.89
C GLU A 26 8.28 -19.38 15.83
N GLU A 27 7.96 -19.62 14.56
CA GLU A 27 8.52 -18.82 13.47
C GLU A 27 7.99 -17.41 13.48
N PHE A 28 6.90 -17.14 14.19
CA PHE A 28 6.26 -15.82 14.21
C PHE A 28 6.87 -14.93 15.28
N ASN A 29 7.87 -15.39 16.02
CA ASN A 29 8.42 -14.58 17.09
C ASN A 29 9.33 -13.48 16.55
N ASP A 30 10.21 -13.82 15.61
CA ASP A 30 11.29 -12.94 15.17
C ASP A 30 10.91 -12.42 13.78
N PHE A 31 10.39 -11.20 13.75
CA PHE A 31 9.90 -10.61 12.51
C PHE A 31 10.99 -10.51 11.46
N ASP A 32 12.12 -9.89 11.81
N ASP A 32 12.13 -9.94 11.82
CA ASP A 32 13.20 -9.70 10.85
CA ASP A 32 13.16 -9.72 10.82
C ASP A 32 13.64 -11.03 10.25
C ASP A 32 13.70 -11.02 10.26
N LYS A 33 13.80 -12.04 11.10
CA LYS A 33 14.27 -13.35 10.65
C LYS A 33 13.31 -13.95 9.63
N TYR A 34 12.00 -13.77 9.84
CA TYR A 34 11.04 -14.35 8.92
C TYR A 34 11.03 -13.61 7.59
N ILE A 35 11.17 -12.28 7.60
CA ILE A 35 11.29 -11.57 6.33
C ILE A 35 12.49 -12.12 5.56
N ALA A 36 13.62 -12.27 6.25
CA ALA A 36 14.81 -12.80 5.59
C ALA A 36 14.56 -14.21 5.06
N TYR A 37 13.84 -15.02 5.82
CA TYR A 37 13.51 -16.36 5.36
C TYR A 37 12.68 -16.31 4.08
N MET A 38 11.66 -15.46 4.06
N MET A 38 11.64 -15.47 4.06
CA MET A 38 10.82 -15.35 2.87
CA MET A 38 10.82 -15.36 2.86
C MET A 38 11.65 -14.96 1.65
C MET A 38 11.68 -15.00 1.65
N GLU A 39 12.61 -14.06 1.83
CA GLU A 39 13.48 -13.67 0.73
C GLU A 39 14.41 -14.81 0.31
N SER A 40 14.85 -15.63 1.27
CA SER A 40 15.68 -16.78 0.91
C SER A 40 14.92 -17.73 -0.01
N GLN A 41 13.59 -17.72 0.05
CA GLN A 41 12.74 -18.53 -0.81
C GLN A 41 12.31 -17.80 -2.07
N GLY A 42 12.80 -16.59 -2.29
CA GLY A 42 12.51 -15.84 -3.49
C GLY A 42 11.25 -15.01 -3.43
N ALA A 43 10.65 -14.82 -2.25
CA ALA A 43 9.36 -14.14 -2.18
C ALA A 43 9.43 -12.73 -2.75
N HIS A 44 10.53 -12.03 -2.53
CA HIS A 44 10.63 -10.64 -2.94
C HIS A 44 10.57 -10.49 -4.45
N ARG A 45 10.86 -11.55 -5.21
CA ARG A 45 10.86 -11.39 -6.66
C ARG A 45 9.49 -11.02 -7.19
N ALA A 46 8.42 -11.42 -6.49
CA ALA A 46 7.08 -11.06 -6.93
C ALA A 46 6.73 -9.61 -6.64
N GLY A 47 7.36 -9.00 -5.63
CA GLY A 47 6.98 -7.69 -5.15
C GLY A 47 6.00 -7.69 -3.99
N LEU A 48 5.35 -8.83 -3.72
CA LEU A 48 4.27 -8.96 -2.74
C LEU A 48 4.26 -10.38 -2.26
N ALA A 49 4.06 -10.59 -0.96
CA ALA A 49 3.84 -11.91 -0.38
C ALA A 49 2.66 -11.84 0.58
N LYS A 50 1.97 -12.96 0.74
CA LYS A 50 0.94 -13.12 1.75
C LYS A 50 1.48 -13.94 2.91
N ILE A 51 1.16 -13.52 4.14
CA ILE A 51 1.52 -14.26 5.35
C ILE A 51 0.27 -14.54 6.15
N ILE A 52 -0.04 -15.83 6.33
CA ILE A 52 -1.18 -16.25 7.12
CA ILE A 52 -1.17 -16.28 7.12
C ILE A 52 -0.67 -16.52 8.53
N PRO A 53 -1.14 -15.80 9.55
CA PRO A 53 -0.62 -15.99 10.91
CA PRO A 53 -0.61 -16.00 10.90
C PRO A 53 -0.97 -17.36 11.45
N PRO A 54 -0.19 -17.87 12.39
CA PRO A 54 -0.55 -19.14 13.03
C PRO A 54 -1.91 -19.05 13.71
N LYS A 55 -2.56 -20.21 13.82
CA LYS A 55 -3.92 -20.26 14.32
C LYS A 55 -4.01 -19.77 15.76
N GLU A 56 -2.91 -19.82 16.51
CA GLU A 56 -2.89 -19.41 17.90
C GLU A 56 -2.82 -17.89 18.07
N TRP A 57 -2.61 -17.14 17.00
CA TRP A 57 -2.34 -15.72 17.08
C TRP A 57 -3.60 -14.89 16.87
N LYS A 58 -3.64 -13.73 17.52
CA LYS A 58 -4.69 -12.76 17.29
CA LYS A 58 -4.71 -12.75 17.30
C LYS A 58 -4.14 -11.34 17.41
N ALA A 59 -4.70 -10.42 16.62
CA ALA A 59 -4.26 -9.02 16.68
C ALA A 59 -4.77 -8.32 17.92
N ARG A 60 -6.02 -8.59 18.29
CA ARG A 60 -6.68 -8.00 19.45
C ARG A 60 -7.85 -8.91 19.77
N GLU A 61 -8.52 -8.65 20.90
CA GLU A 61 -9.57 -9.55 21.32
CA GLU A 61 -9.58 -9.54 21.34
C GLU A 61 -10.82 -9.42 20.46
N THR A 62 -11.32 -8.20 20.28
N THR A 62 -11.27 -8.19 20.19
CA THR A 62 -12.49 -8.01 19.42
CA THR A 62 -12.54 -7.94 19.53
C THR A 62 -12.39 -6.69 18.69
C THR A 62 -12.49 -6.61 18.80
N TYR A 63 -13.26 -6.51 17.71
CA TYR A 63 -13.42 -5.25 16.99
C TYR A 63 -14.74 -4.58 17.34
N ASP A 64 -15.31 -4.91 18.49
CA ASP A 64 -16.63 -4.41 18.87
CA ASP A 64 -16.65 -4.39 18.80
C ASP A 64 -16.63 -2.96 19.33
N ASN A 65 -15.44 -2.37 19.57
CA ASN A 65 -15.38 -1.05 20.21
C ASN A 65 -14.65 0.00 19.37
N ILE A 66 -14.72 -0.11 18.04
CA ILE A 66 -13.94 0.78 17.17
C ILE A 66 -14.78 1.87 16.54
N SER A 67 -16.07 1.96 16.82
CA SER A 67 -16.95 2.81 16.03
CA SER A 67 -16.96 2.81 16.03
C SER A 67 -16.73 4.30 16.30
N GLU A 68 -16.06 4.65 17.39
CA GLU A 68 -15.85 6.05 17.75
C GLU A 68 -14.55 6.61 17.22
N ILE A 69 -13.72 5.82 16.55
CA ILE A 69 -12.57 6.36 15.86
C ILE A 69 -13.06 7.39 14.85
N LEU A 70 -12.34 8.50 14.74
CA LEU A 70 -12.71 9.57 13.80
C LEU A 70 -11.90 9.47 12.52
N ILE A 71 -12.61 9.58 11.40
CA ILE A 71 -12.02 9.78 10.08
C ILE A 71 -12.16 11.28 9.83
N ALA A 72 -11.09 12.04 10.12
CA ALA A 72 -11.18 13.49 10.10
C ALA A 72 -11.40 14.02 8.70
N THR A 73 -10.84 13.36 7.70
CA THR A 73 -10.94 13.83 6.31
C THR A 73 -11.18 12.64 5.39
N PRO A 74 -12.41 12.13 5.35
CA PRO A 74 -12.74 11.12 4.34
C PRO A 74 -12.50 11.69 2.95
N LEU A 75 -12.10 10.82 2.03
CA LEU A 75 -11.71 11.22 0.68
C LEU A 75 -12.62 10.55 -0.35
N GLN A 76 -13.29 11.36 -1.17
CA GLN A 76 -14.10 10.86 -2.26
C GLN A 76 -13.21 10.73 -3.49
N GLN A 77 -13.15 9.51 -4.04
CA GLN A 77 -12.20 9.18 -5.10
C GLN A 77 -12.88 9.29 -6.46
N VAL A 78 -12.67 10.41 -7.13
CA VAL A 78 -13.37 10.76 -8.37
C VAL A 78 -12.47 10.41 -9.54
N ALA A 79 -12.96 9.58 -10.45
CA ALA A 79 -12.18 9.11 -11.58
C ALA A 79 -12.37 9.93 -12.86
N SER A 80 -11.34 9.94 -13.70
N SER A 80 -11.34 9.89 -13.70
CA SER A 80 -11.42 10.47 -15.06
CA SER A 80 -11.30 10.63 -14.95
C SER A 80 -10.65 9.56 -16.00
C SER A 80 -10.53 9.77 -15.93
N GLY A 81 -11.15 9.43 -17.22
N GLY A 81 -11.17 9.41 -17.06
CA GLY A 81 -10.46 8.65 -18.23
CA GLY A 81 -10.54 8.58 -18.06
C GLY A 81 -11.34 7.60 -18.86
C GLY A 81 -11.45 7.44 -18.45
N ARG A 82 -10.84 6.37 -18.96
CA ARG A 82 -11.57 5.23 -19.51
CA ARG A 82 -11.56 5.23 -19.50
C ARG A 82 -11.51 4.12 -18.47
N ALA A 83 -12.34 3.10 -18.68
CA ALA A 83 -12.54 2.10 -17.64
C ALA A 83 -11.24 1.43 -17.23
N GLY A 84 -10.35 1.17 -18.18
CA GLY A 84 -9.10 0.50 -17.89
C GLY A 84 -7.88 1.37 -17.74
N VAL A 85 -8.02 2.68 -17.98
CA VAL A 85 -6.91 3.63 -17.91
C VAL A 85 -7.47 4.93 -17.39
N PHE A 86 -7.29 5.21 -16.10
CA PHE A 86 -7.94 6.37 -15.51
C PHE A 86 -7.06 6.93 -14.40
N THR A 87 -7.31 8.19 -14.06
CA THR A 87 -6.75 8.79 -12.85
C THR A 87 -7.87 9.03 -11.86
N GLN A 88 -7.49 9.23 -10.61
CA GLN A 88 -8.45 9.60 -9.60
C GLN A 88 -7.91 10.76 -8.79
N TYR A 89 -8.80 11.67 -8.44
CA TYR A 89 -8.46 12.73 -7.49
C TYR A 89 -9.29 12.57 -6.23
N HIS A 90 -8.79 13.14 -5.16
CA HIS A 90 -9.38 12.95 -3.84
CA HIS A 90 -9.39 12.96 -3.85
C HIS A 90 -10.04 14.26 -3.44
N LYS A 91 -11.37 14.24 -3.32
CA LYS A 91 -12.15 15.37 -2.85
C LYS A 91 -12.40 15.19 -1.36
N LYS A 92 -12.03 16.19 -0.57
CA LYS A 92 -12.19 16.09 0.87
C LYS A 92 -13.66 16.21 1.24
N LYS A 93 -14.08 15.38 2.19
CA LYS A 93 -15.43 15.41 2.73
C LYS A 93 -15.38 15.72 4.22
N LYS A 94 -16.55 16.00 4.79
CA LYS A 94 -16.64 16.30 6.21
C LYS A 94 -16.32 15.06 7.06
N ALA A 95 -15.80 15.32 8.27
CA ALA A 95 -15.41 14.26 9.18
C ALA A 95 -16.58 13.35 9.52
N MET A 96 -16.27 12.08 9.76
N MET A 96 -16.25 12.06 9.71
CA MET A 96 -17.26 11.15 10.25
CA MET A 96 -17.20 11.04 10.13
C MET A 96 -16.57 10.06 11.08
C MET A 96 -16.53 10.11 11.14
N THR A 97 -17.32 9.48 12.00
CA THR A 97 -16.79 8.38 12.79
C THR A 97 -16.76 7.10 11.94
N VAL A 98 -16.03 6.10 12.43
CA VAL A 98 -16.01 4.80 11.78
C VAL A 98 -17.40 4.18 11.75
N GLY A 99 -18.19 4.37 12.82
CA GLY A 99 -19.55 3.86 12.79
C GLY A 99 -20.39 4.51 11.70
N GLU A 100 -20.24 5.81 11.52
CA GLU A 100 -20.97 6.49 10.45
C GLU A 100 -20.46 6.02 9.09
N TYR A 101 -19.15 5.86 8.96
CA TYR A 101 -18.56 5.40 7.71
C TYR A 101 -19.04 4.00 7.34
N ARG A 102 -19.09 3.10 8.31
CA ARG A 102 -19.59 1.75 8.05
C ARG A 102 -21.03 1.78 7.56
N HIS A 103 -21.86 2.61 8.19
CA HIS A 103 -23.24 2.73 7.72
C HIS A 103 -23.30 3.25 6.29
N LEU A 104 -22.46 4.23 5.97
CA LEU A 104 -22.41 4.76 4.60
C LEU A 104 -21.96 3.69 3.62
N ALA A 105 -20.92 2.93 3.97
CA ALA A 105 -20.41 1.87 3.10
C ALA A 105 -21.48 0.85 2.78
N ASN A 106 -22.37 0.57 3.73
CA ASN A 106 -23.40 -0.45 3.58
C ASN A 106 -24.69 0.09 2.98
N SER A 107 -24.74 1.39 2.68
CA SER A 107 -25.93 1.98 2.11
C SER A 107 -26.11 1.52 0.66
N LYS A 108 -27.33 1.67 0.13
CA LYS A 108 -27.58 1.20 -1.23
CA LYS A 108 -27.59 1.22 -1.23
C LYS A 108 -26.64 1.87 -2.23
N LYS A 109 -26.30 3.14 -2.02
CA LYS A 109 -25.45 3.86 -2.97
C LYS A 109 -24.05 3.26 -3.06
N TYR A 110 -23.51 2.77 -1.95
CA TYR A 110 -22.11 2.40 -1.87
C TYR A 110 -21.85 0.92 -1.64
N GLN A 111 -22.86 0.11 -1.35
CA GLN A 111 -22.63 -1.27 -0.95
CA GLN A 111 -22.63 -1.27 -0.95
C GLN A 111 -22.16 -2.13 -2.11
N THR A 112 -21.40 -3.18 -1.78
CA THR A 112 -20.96 -4.15 -2.76
C THR A 112 -22.16 -4.76 -3.47
N PRO A 113 -22.11 -4.89 -4.78
CA PRO A 113 -23.22 -5.51 -5.53
C PRO A 113 -23.24 -7.01 -5.33
N PRO A 114 -24.37 -7.65 -5.61
CA PRO A 114 -24.40 -9.11 -5.68
C PRO A 114 -23.33 -9.61 -6.66
N HIS A 115 -22.67 -10.71 -6.30
CA HIS A 115 -21.61 -11.25 -7.14
C HIS A 115 -21.41 -12.72 -6.80
N GLN A 116 -20.85 -13.45 -7.75
CA GLN A 116 -20.74 -14.90 -7.59
C GLN A 116 -19.49 -15.35 -6.84
N ASN A 117 -18.38 -14.63 -7.00
CA ASN A 117 -17.07 -15.00 -6.47
C ASN A 117 -16.16 -13.81 -6.68
N PHE A 118 -14.90 -13.93 -6.22
CA PHE A 118 -13.97 -12.82 -6.33
C PHE A 118 -13.72 -12.42 -7.79
N GLU A 119 -13.65 -13.40 -8.70
CA GLU A 119 -13.41 -13.10 -10.11
CA GLU A 119 -13.40 -13.07 -10.10
C GLU A 119 -14.55 -12.27 -10.71
N ASP A 120 -15.79 -12.60 -10.36
CA ASP A 120 -16.94 -11.84 -10.84
C ASP A 120 -16.87 -10.40 -10.31
N LEU A 121 -16.55 -10.27 -9.04
CA LEU A 121 -16.47 -8.93 -8.46
C LEU A 121 -15.34 -8.12 -9.12
N GLU A 122 -14.20 -8.77 -9.41
CA GLU A 122 -13.11 -8.11 -10.10
C GLU A 122 -13.54 -7.60 -11.47
N ARG A 123 -14.29 -8.42 -12.20
CA ARG A 123 -14.82 -7.99 -13.50
CA ARG A 123 -14.81 -7.98 -13.50
C ARG A 123 -15.71 -6.76 -13.34
N LYS A 124 -16.59 -6.79 -12.34
CA LYS A 124 -17.47 -5.65 -12.11
C LYS A 124 -16.69 -4.41 -11.73
N TYR A 125 -15.65 -4.56 -10.91
CA TYR A 125 -14.81 -3.43 -10.53
C TYR A 125 -14.25 -2.75 -11.78
N TRP A 126 -13.57 -3.52 -12.64
CA TRP A 126 -12.91 -2.87 -13.78
C TRP A 126 -13.90 -2.37 -14.80
N LYS A 127 -15.07 -2.98 -14.89
CA LYS A 127 -16.09 -2.50 -15.82
C LYS A 127 -16.68 -1.17 -15.37
N ASN A 128 -16.90 -1.01 -14.06
CA ASN A 128 -17.78 0.02 -13.54
C ASN A 128 -17.15 1.02 -12.59
N ARG A 129 -15.90 0.81 -12.18
CA ARG A 129 -15.30 1.70 -11.17
C ARG A 129 -15.43 3.17 -11.52
N ILE A 130 -15.16 3.54 -12.77
CA ILE A 130 -15.06 4.96 -13.09
C ILE A 130 -16.38 5.68 -12.92
N TYR A 131 -17.50 4.97 -12.93
CA TYR A 131 -18.83 5.56 -12.92
C TYR A 131 -19.31 5.84 -11.51
N ASN A 132 -18.47 5.60 -10.51
CA ASN A 132 -18.83 5.86 -9.13
C ASN A 132 -17.67 6.54 -8.43
C ASN A 132 -17.67 6.55 -8.43
N SER A 133 -17.96 7.18 -7.30
CA SER A 133 -16.95 7.89 -6.53
CA SER A 133 -16.95 7.89 -6.53
C SER A 133 -17.02 7.46 -5.07
N PRO A 134 -16.40 6.35 -4.73
CA PRO A 134 -16.47 5.84 -3.35
C PRO A 134 -15.66 6.72 -2.41
N ILE A 135 -15.93 6.58 -1.12
CA ILE A 135 -15.30 7.42 -0.08
C ILE A 135 -14.41 6.52 0.75
N TYR A 136 -13.18 6.99 1.01
CA TYR A 136 -12.10 6.21 1.63
CA TYR A 136 -12.36 6.16 1.84
C TYR A 136 -11.58 6.96 2.86
N GLY A 137 -11.40 6.26 3.97
N GLY A 137 -11.33 6.27 3.96
CA GLY A 137 -10.64 6.76 5.10
CA GLY A 137 -10.70 6.90 5.10
C GLY A 137 -9.20 6.31 4.96
C GLY A 137 -9.26 6.44 5.25
N ALA A 138 -8.30 7.21 4.71
CA ALA A 138 -6.93 6.78 4.49
C ALA A 138 -5.95 7.53 5.39
N ASP A 139 -4.84 6.86 5.67
CA ASP A 139 -3.68 7.49 6.30
C ASP A 139 -4.07 8.12 7.64
N ILE A 140 -4.82 7.36 8.44
CA ILE A 140 -5.22 7.79 9.79
C ILE A 140 -4.18 7.24 10.77
N SER A 141 -3.39 8.13 11.36
N SER A 141 -3.42 8.12 11.39
CA SER A 141 -2.38 7.63 12.30
CA SER A 141 -2.40 7.67 12.34
C SER A 141 -3.05 6.90 13.46
C SER A 141 -3.06 6.91 13.49
N GLY A 142 -2.58 5.70 13.75
CA GLY A 142 -3.13 4.91 14.84
C GLY A 142 -2.87 3.43 14.64
N SER A 143 -3.32 2.65 15.62
CA SER A 143 -3.14 1.20 15.57
C SER A 143 -4.31 0.51 16.27
N LEU A 144 -4.67 -0.66 15.76
CA LEU A 144 -5.66 -1.52 16.37
C LEU A 144 -5.05 -2.79 16.95
N PHE A 145 -3.73 -2.91 16.97
CA PHE A 145 -3.12 -4.03 17.67
C PHE A 145 -3.18 -3.81 19.17
N ASP A 146 -3.54 -4.85 19.89
CA ASP A 146 -3.48 -4.81 21.35
C ASP A 146 -2.02 -4.68 21.79
N GLU A 147 -1.77 -3.85 22.81
CA GLU A 147 -0.39 -3.66 23.24
C GLU A 147 0.24 -4.97 23.70
N ASN A 148 -0.59 -5.94 24.10
CA ASN A 148 -0.09 -7.23 24.57
C ASN A 148 0.15 -8.25 23.45
N THR A 149 -0.19 -7.91 22.21
CA THR A 149 0.18 -8.75 21.06
C THR A 149 1.65 -8.54 20.77
N LYS A 150 2.45 -9.57 21.02
CA LYS A 150 3.89 -9.42 20.91
C LYS A 150 4.45 -9.79 19.57
N GLN A 151 3.71 -10.53 18.75
CA GLN A 151 4.19 -11.01 17.47
C GLN A 151 3.52 -10.22 16.35
N TRP A 152 4.31 -9.71 15.42
CA TRP A 152 3.79 -9.05 14.22
C TRP A 152 2.84 -7.90 14.56
N ASN A 153 3.18 -7.18 15.63
CA ASN A 153 2.42 -6.00 16.04
C ASN A 153 3.01 -4.83 15.27
N LEU A 154 2.23 -4.27 14.34
CA LEU A 154 2.76 -3.26 13.43
C LEU A 154 3.09 -1.94 14.10
N GLY A 155 2.69 -1.74 15.36
CA GLY A 155 3.14 -0.60 16.14
C GLY A 155 4.42 -0.83 16.91
N HIS A 156 4.99 -2.04 16.85
CA HIS A 156 6.17 -2.37 17.65
C HIS A 156 7.33 -2.86 16.79
N LEU A 157 7.35 -2.54 15.51
CA LEU A 157 8.46 -2.96 14.67
C LEU A 157 9.67 -2.04 14.89
N GLY A 158 10.85 -2.57 14.57
CA GLY A 158 12.03 -1.71 14.54
C GLY A 158 11.85 -0.58 13.53
N THR A 159 12.34 0.60 13.88
CA THR A 159 12.07 1.78 13.06
C THR A 159 13.05 1.84 11.88
N ILE A 160 12.62 2.53 10.82
CA ILE A 160 13.50 2.74 9.69
CA ILE A 160 13.50 2.72 9.69
C ILE A 160 14.71 3.58 10.09
N GLN A 161 14.49 4.55 10.99
CA GLN A 161 15.60 5.39 11.43
C GLN A 161 16.65 4.54 12.13
N ASP A 162 16.22 3.58 12.96
CA ASP A 162 17.20 2.73 13.63
C ASP A 162 17.88 1.79 12.64
N LEU A 163 17.15 1.32 11.62
CA LEU A 163 17.79 0.48 10.60
C LEU A 163 18.89 1.25 9.90
N LEU A 164 18.60 2.49 9.49
N LEU A 164 18.60 2.46 9.44
CA LEU A 164 19.62 3.31 8.81
CA LEU A 164 19.65 3.25 8.82
C LEU A 164 20.81 3.56 9.72
C LEU A 164 20.83 3.41 9.76
N GLU A 165 20.55 3.80 11.01
CA GLU A 165 21.64 4.00 11.95
C GLU A 165 22.47 2.73 12.10
N LYS A 166 21.81 1.57 12.21
CA LYS A 166 22.55 0.32 12.38
C LYS A 166 23.38 -0.02 11.16
N GLU A 167 22.87 0.28 9.96
CA GLU A 167 23.56 -0.11 8.74
C GLU A 167 24.63 0.88 8.35
N CYS A 168 24.38 2.17 8.55
CA CYS A 168 25.22 3.20 8.00
C CYS A 168 25.89 4.05 9.06
N GLY A 169 25.52 3.92 10.32
CA GLY A 169 26.21 4.60 11.39
C GLY A 169 25.72 5.99 11.70
N VAL A 170 24.74 6.50 10.98
CA VAL A 170 24.28 7.88 11.13
C VAL A 170 22.97 7.89 11.91
N VAL A 171 22.91 8.69 12.93
CA VAL A 171 21.69 8.93 13.69
C VAL A 171 20.91 10.03 12.98
N ILE A 172 19.61 9.81 12.81
CA ILE A 172 18.74 10.78 12.17
C ILE A 172 17.48 10.98 12.98
N GLU A 173 16.90 12.17 12.83
CA GLU A 173 15.59 12.46 13.34
C GLU A 173 14.53 11.67 12.57
N GLY A 174 13.33 11.63 13.15
CA GLY A 174 12.17 11.08 12.50
C GLY A 174 11.60 9.92 13.28
N VAL A 175 10.33 9.64 13.01
CA VAL A 175 9.60 8.57 13.63
C VAL A 175 8.83 7.83 12.51
N ASN A 176 8.42 6.70 12.83
CA ASN A 176 7.78 5.76 11.87
CA ASN A 176 7.52 6.00 11.87
C ASN A 176 6.54 4.98 12.70
N THR A 177 5.33 5.43 12.48
CA THR A 177 4.16 4.83 13.17
C THR A 177 3.13 4.33 12.16
N PRO A 178 2.23 3.44 12.58
CA PRO A 178 1.28 2.85 11.64
C PRO A 178 0.15 3.78 11.28
N TYR A 179 -0.53 3.40 10.19
CA TYR A 179 -1.72 4.06 9.71
C TYR A 179 -2.87 3.08 9.54
N LEU A 180 -4.06 3.58 9.78
CA LEU A 180 -5.32 2.87 9.55
C LEU A 180 -5.98 3.35 8.27
N TYR A 181 -6.68 2.42 7.62
CA TYR A 181 -7.40 2.66 6.39
C TYR A 181 -8.76 2.02 6.56
N PHE A 182 -9.80 2.78 6.33
CA PHE A 182 -11.18 2.29 6.30
C PHE A 182 -11.66 2.38 4.86
N GLY A 183 -12.05 1.24 4.30
CA GLY A 183 -12.41 1.15 2.90
C GLY A 183 -13.86 0.75 2.72
N MET A 184 -14.31 0.91 1.48
CA MET A 184 -15.62 0.46 1.03
C MET A 184 -15.48 -0.06 -0.40
N TRP A 185 -16.56 -0.63 -0.91
CA TRP A 185 -16.54 -1.13 -2.28
C TRP A 185 -16.01 -0.08 -3.23
N LYS A 186 -15.10 -0.51 -4.10
CA LYS A 186 -14.50 0.29 -5.16
C LYS A 186 -13.43 1.27 -4.69
N THR A 187 -13.21 1.45 -3.38
CA THR A 187 -12.09 2.27 -2.97
CA THR A 187 -12.08 2.24 -2.91
C THR A 187 -10.82 1.66 -3.53
N THR A 188 -9.93 2.54 -4.00
CA THR A 188 -8.86 2.17 -4.91
C THR A 188 -7.55 2.74 -4.45
N PHE A 189 -6.49 1.93 -4.51
CA PHE A 189 -5.12 2.42 -4.38
C PHE A 189 -4.43 2.36 -5.74
N ALA A 190 -3.94 3.51 -6.17
CA ALA A 190 -3.31 3.67 -7.46
C ALA A 190 -1.94 2.99 -7.50
N TRP A 191 -1.44 2.78 -8.73
CA TRP A 191 -0.12 2.16 -8.91
C TRP A 191 0.97 2.99 -8.24
N HIS A 192 1.76 2.34 -7.40
CA HIS A 192 2.85 3.07 -6.73
C HIS A 192 3.85 2.07 -6.17
N THR A 193 5.07 2.58 -5.89
CA THR A 193 5.96 1.98 -4.92
C THR A 193 5.92 2.83 -3.65
N GLU A 194 6.47 2.32 -2.56
CA GLU A 194 6.47 3.09 -1.32
C GLU A 194 7.48 4.23 -1.40
N ASP A 195 7.31 5.20 -0.48
CA ASP A 195 8.28 6.26 -0.31
C ASP A 195 9.66 5.64 -0.20
N MET A 196 10.63 6.19 -0.92
CA MET A 196 12.01 5.72 -0.84
CA MET A 196 12.02 5.74 -0.89
C MET A 196 12.15 4.25 -1.22
N ASP A 197 11.16 3.70 -1.91
CA ASP A 197 11.11 2.29 -2.28
C ASP A 197 11.28 1.38 -1.06
N LEU A 198 10.68 1.79 0.06
CA LEU A 198 10.64 0.99 1.28
C LEU A 198 9.78 -0.26 1.11
N TYR A 199 9.92 -1.19 2.05
CA TYR A 199 8.93 -2.25 2.20
C TYR A 199 7.66 -1.65 2.82
N SER A 200 6.56 -2.37 2.67
CA SER A 200 5.38 -2.10 3.50
C SER A 200 4.83 -3.42 4.02
N ILE A 201 4.15 -3.35 5.15
CA ILE A 201 3.38 -4.46 5.67
C ILE A 201 1.98 -3.96 6.01
N ASN A 202 1.01 -4.83 5.74
N ASN A 202 0.99 -4.79 5.65
CA ASN A 202 -0.40 -4.48 5.75
CA ASN A 202 -0.44 -4.46 5.72
C ASN A 202 -1.14 -5.63 6.41
C ASN A 202 -1.13 -5.63 6.42
N TYR A 203 -1.95 -5.33 7.42
CA TYR A 203 -2.80 -6.32 8.07
C TYR A 203 -4.25 -5.94 7.84
N LEU A 204 -5.06 -6.88 7.34
CA LEU A 204 -6.49 -6.64 7.15
C LEU A 204 -7.21 -7.07 8.42
N HIS A 205 -7.52 -6.09 9.26
CA HIS A 205 -8.07 -6.36 10.59
C HIS A 205 -9.48 -6.96 10.52
N LEU A 206 -10.32 -6.44 9.61
N LEU A 206 -10.31 -6.44 9.63
CA LEU A 206 -11.76 -6.66 9.70
CA LEU A 206 -11.71 -6.83 9.64
C LEU A 206 -12.41 -6.38 8.36
C LEU A 206 -12.35 -6.48 8.33
N GLY A 207 -13.43 -7.17 8.03
CA GLY A 207 -14.30 -6.85 6.92
C GLY A 207 -14.00 -7.56 5.64
N GLU A 208 -14.38 -6.93 4.54
CA GLU A 208 -14.36 -7.54 3.24
C GLU A 208 -12.96 -7.51 2.64
N PRO A 209 -12.72 -8.32 1.58
CA PRO A 209 -11.35 -8.47 1.07
C PRO A 209 -10.80 -7.25 0.37
N LYS A 210 -9.52 -7.37 0.03
CA LYS A 210 -8.77 -6.41 -0.77
C LYS A 210 -8.07 -7.20 -1.88
N THR A 211 -8.27 -6.79 -3.13
CA THR A 211 -7.57 -7.40 -4.26
C THR A 211 -6.37 -6.54 -4.63
N TRP A 212 -5.24 -7.21 -4.81
CA TRP A 212 -3.96 -6.58 -5.09
C TRP A 212 -3.47 -6.98 -6.47
N TYR A 213 -2.80 -6.04 -7.14
CA TYR A 213 -2.01 -6.27 -8.34
C TYR A 213 -0.57 -5.83 -8.06
N VAL A 214 0.40 -6.53 -8.61
CA VAL A 214 1.80 -6.23 -8.32
C VAL A 214 2.67 -6.55 -9.50
N VAL A 215 3.66 -5.70 -9.76
CA VAL A 215 4.67 -5.91 -10.79
C VAL A 215 5.97 -6.33 -10.10
N PRO A 216 6.63 -7.39 -10.54
CA PRO A 216 7.95 -7.75 -9.97
C PRO A 216 8.90 -6.56 -9.96
N PRO A 217 9.65 -6.37 -8.87
CA PRO A 217 10.64 -5.28 -8.85
C PRO A 217 11.57 -5.28 -10.05
N GLU A 218 11.99 -6.44 -10.53
CA GLU A 218 12.91 -6.48 -11.66
C GLU A 218 12.29 -5.94 -12.93
N HIS A 219 10.98 -5.78 -12.98
CA HIS A 219 10.26 -5.30 -14.17
C HIS A 219 9.55 -3.98 -13.92
N GLY A 220 9.86 -3.28 -12.83
CA GLY A 220 9.15 -2.03 -12.54
C GLY A 220 9.28 -0.99 -13.65
N GLN A 221 10.44 -0.93 -14.29
N GLN A 221 10.44 -0.92 -14.30
CA GLN A 221 10.64 0.04 -15.36
CA GLN A 221 10.60 0.08 -15.34
C GLN A 221 9.68 -0.18 -16.51
C GLN A 221 9.73 -0.19 -16.56
N ARG A 222 9.29 -1.44 -16.77
CA ARG A 222 8.32 -1.70 -17.83
C ARG A 222 6.99 -1.04 -17.52
N LEU A 223 6.56 -1.09 -16.26
CA LEU A 223 5.33 -0.40 -15.88
C LEU A 223 5.48 1.11 -16.02
N GLU A 224 6.63 1.63 -15.60
CA GLU A 224 6.86 3.07 -15.74
C GLU A 224 6.77 3.51 -17.18
N ARG A 225 7.37 2.73 -18.10
CA ARG A 225 7.35 3.11 -19.50
CA ARG A 225 7.34 3.12 -19.50
C ARG A 225 5.92 3.11 -20.05
N LEU A 226 5.13 2.09 -19.70
CA LEU A 226 3.74 2.09 -20.13
C LEU A 226 2.99 3.27 -19.56
N ALA A 227 3.20 3.56 -18.28
CA ALA A 227 2.50 4.67 -17.66
C ALA A 227 2.82 5.98 -18.37
N ARG A 228 4.08 6.17 -18.79
CA ARG A 228 4.43 7.40 -19.49
CA ARG A 228 4.44 7.40 -19.50
C ARG A 228 3.66 7.50 -20.81
N GLU A 229 3.46 6.38 -21.49
CA GLU A 229 2.71 6.35 -22.73
C GLU A 229 1.22 6.62 -22.48
N LEU A 230 0.66 6.04 -21.42
CA LEU A 230 -0.77 6.14 -21.17
C LEU A 230 -1.21 7.43 -20.50
N PHE A 231 -0.30 8.13 -19.83
CA PHE A 231 -0.59 9.38 -19.13
C PHE A 231 0.42 10.42 -19.60
N PRO A 232 0.34 10.83 -20.87
CA PRO A 232 1.46 11.59 -21.43
C PRO A 232 1.62 12.98 -20.83
N GLY A 233 0.52 13.69 -20.56
CA GLY A 233 0.63 15.00 -19.93
C GLY A 233 1.21 14.92 -18.53
N SER A 234 0.80 13.91 -17.77
CA SER A 234 1.34 13.73 -16.43
C SER A 234 2.83 13.48 -16.47
N SER A 235 3.26 12.65 -17.43
CA SER A 235 4.68 12.33 -17.56
C SER A 235 5.48 13.58 -17.89
N ARG A 236 4.95 14.46 -18.75
CA ARG A 236 5.66 15.68 -19.08
C ARG A 236 5.78 16.59 -17.86
N GLY A 237 4.81 16.54 -16.96
CA GLY A 237 4.85 17.38 -15.77
C GLY A 237 5.81 16.92 -14.71
N CYS A 238 6.14 15.62 -14.69
CA CYS A 238 6.98 15.09 -13.63
C CYS A 238 7.58 13.76 -14.07
N GLY A 239 8.89 13.64 -13.95
CA GLY A 239 9.60 12.43 -14.28
C GLY A 239 9.40 11.28 -13.32
N ALA A 240 8.64 11.49 -12.26
CA ALA A 240 8.31 10.42 -11.31
C ALA A 240 6.84 10.53 -10.92
N PHE A 241 5.95 10.71 -11.90
CA PHE A 241 4.57 11.05 -11.58
C PHE A 241 3.81 9.91 -10.93
N LEU A 242 4.29 8.66 -11.03
CA LEU A 242 3.59 7.61 -10.29
C LEU A 242 3.65 7.85 -8.79
N ARG A 243 4.62 8.64 -8.31
CA ARG A 243 4.73 9.08 -6.91
CA ARG A 243 4.63 8.93 -6.89
C ARG A 243 3.49 9.85 -6.48
N HIS A 244 2.75 10.42 -7.45
CA HIS A 244 1.55 11.16 -7.12
C HIS A 244 0.43 10.24 -6.66
N LYS A 245 0.52 8.95 -6.99
CA LYS A 245 -0.44 7.94 -6.54
C LYS A 245 -1.85 8.28 -7.02
N VAL A 246 -1.99 8.52 -8.33
CA VAL A 246 -3.29 8.81 -8.90
C VAL A 246 -3.64 7.99 -10.14
N ALA A 247 -2.73 7.16 -10.66
CA ALA A 247 -2.96 6.50 -11.95
C ALA A 247 -3.32 5.02 -11.80
N LEU A 248 -4.35 4.60 -12.54
CA LEU A 248 -4.80 3.22 -12.57
C LEU A 248 -4.73 2.67 -13.99
N ILE A 249 -4.28 1.43 -14.08
CA ILE A 249 -4.21 0.68 -15.33
C ILE A 249 -4.72 -0.71 -15.00
N SER A 250 -5.69 -1.19 -15.77
CA SER A 250 -6.34 -2.48 -15.47
C SER A 250 -5.47 -3.68 -15.85
N PRO A 251 -5.79 -4.86 -15.30
CA PRO A 251 -5.06 -6.07 -15.69
C PRO A 251 -5.18 -6.35 -17.19
N THR A 252 -6.34 -6.05 -17.78
CA THR A 252 -6.49 -6.27 -19.22
C THR A 252 -5.51 -5.41 -20.00
N VAL A 253 -5.38 -4.14 -19.65
CA VAL A 253 -4.45 -3.25 -20.35
C VAL A 253 -3.03 -3.68 -20.10
N LEU A 254 -2.70 -4.10 -18.88
CA LEU A 254 -1.35 -4.60 -18.62
C LEU A 254 -1.04 -5.80 -19.51
N LYS A 255 -1.97 -6.75 -19.58
CA LYS A 255 -1.75 -7.93 -20.42
CA LYS A 255 -1.76 -7.93 -20.42
C LYS A 255 -1.61 -7.56 -21.89
N GLU A 256 -2.44 -6.64 -22.37
CA GLU A 256 -2.36 -6.20 -23.76
C GLU A 256 -1.01 -5.62 -24.09
N ASN A 257 -0.33 -5.02 -23.12
CA ASN A 257 0.95 -4.37 -23.29
C ASN A 257 2.11 -5.22 -22.79
N GLY A 258 1.87 -6.48 -22.48
CA GLY A 258 2.94 -7.38 -22.12
C GLY A 258 3.61 -7.06 -20.81
N ILE A 259 2.95 -6.38 -19.88
CA ILE A 259 3.60 -6.03 -18.61
C ILE A 259 3.51 -7.22 -17.67
N PRO A 260 4.61 -7.72 -17.12
CA PRO A 260 4.51 -8.82 -16.15
CA PRO A 260 4.53 -8.81 -16.14
C PRO A 260 3.86 -8.32 -14.86
N PHE A 261 2.86 -9.07 -14.38
CA PHE A 261 2.22 -8.73 -13.12
C PHE A 261 1.56 -9.98 -12.55
N ASN A 262 1.17 -9.89 -11.28
CA ASN A 262 0.38 -10.93 -10.64
C ASN A 262 -0.73 -10.27 -9.83
N ARG A 263 -1.69 -11.08 -9.41
CA ARG A 263 -2.80 -10.61 -8.60
C ARG A 263 -3.09 -11.62 -7.49
N ILE A 264 -3.68 -11.13 -6.41
CA ILE A 264 -4.08 -12.00 -5.30
C ILE A 264 -5.10 -11.22 -4.47
N THR A 265 -5.99 -11.95 -3.80
CA THR A 265 -6.95 -11.33 -2.89
C THR A 265 -6.57 -11.66 -1.45
N GLN A 266 -6.52 -10.62 -0.63
CA GLN A 266 -6.25 -10.70 0.80
C GLN A 266 -7.56 -10.67 1.56
N GLU A 267 -7.69 -11.55 2.54
CA GLU A 267 -8.87 -11.62 3.38
C GLU A 267 -8.53 -11.22 4.81
N ALA A 268 -9.58 -10.94 5.58
CA ALA A 268 -9.38 -10.50 6.95
C ALA A 268 -8.56 -11.53 7.71
N GLY A 269 -7.65 -11.05 8.53
CA GLY A 269 -6.77 -11.89 9.32
C GLY A 269 -5.46 -12.22 8.64
N GLU A 270 -5.22 -11.68 7.45
CA GLU A 270 -4.01 -11.97 6.69
C GLU A 270 -3.13 -10.74 6.56
N PHE A 271 -1.82 -10.96 6.56
CA PHE A 271 -0.85 -9.93 6.30
C PHE A 271 -0.40 -10.00 4.84
N MET A 272 -0.04 -8.85 4.29
CA MET A 272 0.68 -8.77 3.02
C MET A 272 1.92 -7.93 3.23
N VAL A 273 3.03 -8.33 2.63
CA VAL A 273 4.26 -7.53 2.61
C VAL A 273 4.54 -7.14 1.17
N THR A 274 4.78 -5.85 0.93
CA THR A 274 5.32 -5.40 -0.33
C THR A 274 6.81 -5.17 -0.16
N PHE A 275 7.57 -5.49 -1.22
CA PHE A 275 9.02 -5.46 -1.20
C PHE A 275 9.52 -4.24 -1.94
N PRO A 276 10.76 -3.82 -1.68
CA PRO A 276 11.29 -2.61 -2.30
C PRO A 276 11.10 -2.61 -3.80
N TYR A 277 10.56 -1.51 -4.31
CA TYR A 277 10.37 -1.27 -5.73
C TYR A 277 9.35 -2.22 -6.36
N GLY A 278 8.47 -2.79 -5.55
CA GLY A 278 7.36 -3.60 -6.06
C GLY A 278 6.13 -2.71 -6.26
N TYR A 279 5.86 -2.33 -7.50
CA TYR A 279 4.69 -1.52 -7.80
C TYR A 279 3.44 -2.32 -7.47
N HIS A 280 2.48 -1.66 -6.84
CA HIS A 280 1.22 -2.32 -6.51
C HIS A 280 0.05 -1.35 -6.61
N ALA A 281 -1.14 -1.91 -6.77
CA ALA A 281 -2.41 -1.21 -6.89
C ALA A 281 -3.48 -2.18 -6.45
N GLY A 282 -4.68 -1.68 -6.20
CA GLY A 282 -5.75 -2.61 -5.88
C GLY A 282 -7.02 -1.92 -5.43
N PHE A 283 -7.95 -2.73 -4.94
CA PHE A 283 -9.25 -2.21 -4.57
C PHE A 283 -9.85 -3.02 -3.44
N ASN A 284 -10.75 -2.38 -2.70
CA ASN A 284 -11.48 -3.02 -1.62
C ASN A 284 -12.83 -3.55 -2.09
N HIS A 285 -13.22 -4.70 -1.55
CA HIS A 285 -14.45 -5.36 -1.94
C HIS A 285 -15.68 -4.79 -1.25
N GLY A 286 -15.53 -4.11 -0.13
CA GLY A 286 -16.63 -3.70 0.73
C GLY A 286 -16.01 -3.10 1.97
N PHE A 287 -16.85 -2.83 2.98
CA PHE A 287 -16.35 -2.20 4.20
C PHE A 287 -15.23 -3.03 4.79
N ASN A 288 -14.11 -2.38 5.11
CA ASN A 288 -13.01 -3.06 5.77
C ASN A 288 -12.14 -2.06 6.51
N CYS A 289 -11.22 -2.61 7.29
CA CYS A 289 -10.24 -1.83 8.03
C CYS A 289 -8.90 -2.54 7.93
N ALA A 290 -7.88 -1.83 7.47
CA ALA A 290 -6.53 -2.32 7.38
C ALA A 290 -5.59 -1.40 8.13
N GLU A 291 -4.47 -1.94 8.54
CA GLU A 291 -3.41 -1.18 9.19
C GLU A 291 -2.13 -1.45 8.43
N ALA A 292 -1.33 -0.42 8.20
CA ALA A 292 -0.11 -0.58 7.42
C ALA A 292 0.98 0.34 7.92
N ILE A 293 2.22 -0.07 7.64
CA ILE A 293 3.40 0.72 7.99
C ILE A 293 4.51 0.36 7.02
N ASN A 294 5.38 1.32 6.74
CA ASN A 294 6.60 1.05 6.00
C ASN A 294 7.68 0.54 6.95
N PHE A 295 8.58 -0.28 6.41
CA PHE A 295 9.73 -0.74 7.17
C PHE A 295 10.90 -0.97 6.22
N ALA A 296 12.06 -1.18 6.85
CA ALA A 296 13.31 -1.39 6.14
C ALA A 296 14.02 -2.61 6.68
N THR A 297 14.90 -3.15 5.84
CA THR A 297 15.87 -4.19 6.20
C THR A 297 17.21 -3.80 5.59
N PRO A 298 18.29 -4.51 5.90
CA PRO A 298 19.56 -4.17 5.23
C PRO A 298 19.48 -4.19 3.72
N ARG A 299 18.69 -5.09 3.13
CA ARG A 299 18.59 -5.16 1.68
CA ARG A 299 18.59 -5.16 1.67
C ARG A 299 17.92 -3.93 1.07
N TRP A 300 17.13 -3.20 1.86
CA TRP A 300 16.48 -2.00 1.33
C TRP A 300 17.47 -0.89 0.99
N ILE A 301 18.60 -0.80 1.71
CA ILE A 301 19.41 0.41 1.61
C ILE A 301 19.76 0.72 0.15
N ASP A 302 20.15 -0.30 -0.64
CA ASP A 302 20.50 -0.05 -2.03
C ASP A 302 19.31 0.50 -2.81
N TYR A 303 18.11 0.02 -2.53
CA TYR A 303 16.92 0.56 -3.17
C TYR A 303 16.67 2.02 -2.76
N GLY A 304 16.84 2.32 -1.48
CA GLY A 304 16.63 3.69 -1.05
C GLY A 304 17.57 4.66 -1.73
N LYS A 305 18.82 4.25 -1.95
CA LYS A 305 19.82 5.09 -2.61
C LYS A 305 19.43 5.39 -4.05
N MET A 306 18.69 4.50 -4.69
CA MET A 306 18.37 4.59 -6.10
C MET A 306 16.95 5.06 -6.36
N ALA A 307 16.14 5.27 -5.33
CA ALA A 307 14.72 5.55 -5.54
C ALA A 307 14.54 6.85 -6.31
N SER A 308 13.64 6.82 -7.28
N SER A 308 13.62 6.80 -7.25
CA SER A 308 13.35 8.03 -8.05
CA SER A 308 13.25 8.00 -7.97
C SER A 308 12.35 8.88 -7.27
C SER A 308 12.58 8.96 -7.00
N GLN A 309 12.50 10.20 -7.42
CA GLN A 309 11.86 11.17 -6.55
C GLN A 309 11.02 12.13 -7.37
N CYS A 310 9.89 12.52 -6.80
CA CYS A 310 9.10 13.61 -7.31
C CYS A 310 9.57 14.92 -6.67
N SER A 311 9.89 15.88 -7.52
CA SER A 311 10.27 17.22 -7.07
CA SER A 311 10.27 17.21 -7.06
C SER A 311 9.36 18.29 -7.63
N CYS A 312 8.22 17.91 -8.25
CA CYS A 312 7.32 18.86 -8.88
C CYS A 312 6.35 19.49 -7.91
N GLY A 313 6.27 19.00 -6.66
CA GLY A 313 5.39 19.54 -5.65
C GLY A 313 4.19 18.69 -5.33
N GLU A 314 3.82 17.76 -6.20
CA GLU A 314 2.57 17.03 -5.98
C GLU A 314 2.72 15.97 -4.89
N ALA A 315 3.88 15.30 -4.84
CA ALA A 315 4.07 14.18 -3.93
C ALA A 315 4.61 14.68 -2.58
N ARG A 316 3.71 15.34 -1.83
CA ARG A 316 4.04 15.76 -0.48
C ARG A 316 4.11 14.54 0.43
N VAL A 317 5.08 14.54 1.34
CA VAL A 317 5.33 13.38 2.19
C VAL A 317 5.71 13.82 3.60
N THR A 318 5.72 12.84 4.50
CA THR A 318 6.08 13.05 5.90
C THR A 318 7.46 13.66 6.01
N PHE A 319 7.67 14.45 7.07
CA PHE A 319 9.00 15.02 7.27
CA PHE A 319 8.99 15.01 7.28
C PHE A 319 10.04 13.95 7.57
N SER A 320 9.63 12.74 7.96
N SER A 320 9.63 12.72 7.95
CA SER A 320 10.59 11.67 8.19
CA SER A 320 10.63 11.66 8.16
C SER A 320 11.28 11.21 6.90
C SER A 320 11.38 11.36 6.87
N MET A 321 10.74 11.57 5.73
CA MET A 321 11.46 11.26 4.50
CA MET A 321 11.40 11.33 4.44
C MET A 321 12.62 12.21 4.24
N ASP A 322 12.63 13.40 4.86
CA ASP A 322 13.72 14.35 4.66
C ASP A 322 15.07 13.71 4.90
N ALA A 323 15.23 13.06 6.06
CA ALA A 323 16.52 12.50 6.43
C ALA A 323 16.92 11.40 5.49
N PHE A 324 15.96 10.62 4.99
CA PHE A 324 16.31 9.53 4.08
CA PHE A 324 16.33 9.54 4.07
C PHE A 324 16.91 10.10 2.79
N VAL A 325 16.28 11.15 2.23
CA VAL A 325 16.82 11.77 1.02
C VAL A 325 18.16 12.42 1.34
N ARG A 326 18.21 13.13 2.45
CA ARG A 326 19.42 13.87 2.83
C ARG A 326 20.65 12.99 2.95
N ILE A 327 20.48 11.83 3.56
CA ILE A 327 21.61 10.93 3.78
C ILE A 327 21.85 10.02 2.58
N LEU A 328 20.79 9.43 2.02
CA LEU A 328 21.00 8.46 0.96
C LEU A 328 21.14 9.08 -0.42
N GLN A 329 20.61 10.28 -0.63
N GLN A 329 20.57 10.26 -0.65
CA GLN A 329 20.59 10.90 -1.96
CA GLN A 329 20.61 10.90 -1.96
C GLN A 329 21.00 12.37 -1.88
C GLN A 329 20.98 12.36 -1.83
N PRO A 330 22.18 12.66 -1.31
CA PRO A 330 22.54 14.07 -1.12
C PRO A 330 22.51 14.89 -2.39
N GLU A 331 22.86 14.34 -3.56
CA GLU A 331 22.83 15.13 -4.76
CA GLU A 331 22.82 15.12 -4.79
C GLU A 331 21.41 15.58 -5.12
N ARG A 332 20.41 14.78 -4.80
CA ARG A 332 19.03 15.09 -5.13
C ARG A 332 18.32 15.91 -4.08
N TYR A 333 18.94 16.08 -2.90
CA TYR A 333 18.24 16.63 -1.75
C TYR A 333 17.74 18.05 -2.00
N ASP A 334 18.58 18.94 -2.53
CA ASP A 334 18.17 20.33 -2.69
C ASP A 334 16.93 20.43 -3.57
N LEU A 335 16.92 19.73 -4.71
CA LEU A 335 15.78 19.80 -5.62
C LEU A 335 14.53 19.19 -5.00
N TRP A 336 14.67 18.03 -4.35
CA TRP A 336 13.54 17.39 -3.71
C TRP A 336 12.96 18.30 -2.63
N LYS A 337 13.84 18.93 -1.84
CA LYS A 337 13.41 19.81 -0.78
C LYS A 337 12.58 20.95 -1.32
N ARG A 338 13.01 21.55 -2.43
CA ARG A 338 12.23 22.60 -3.05
C ARG A 338 10.82 22.12 -3.37
N GLY A 339 10.69 20.86 -3.79
CA GLY A 339 9.38 20.31 -4.08
C GLY A 339 8.50 20.20 -2.87
N GLN A 340 9.08 19.97 -1.69
CA GLN A 340 8.31 19.83 -0.46
C GLN A 340 7.92 21.21 0.06
ZN ZN B . 5.75 15.03 -9.27
NA NA C . 2.51 -14.59 -13.37
C1 EDO D . -22.56 -6.75 -15.28
O1 EDO D . -21.90 -7.37 -14.18
C2 EDO D . -23.12 -5.44 -14.78
O2 EDO D . -22.11 -4.81 -13.98
C1 EDO E . 6.71 -6.58 16.95
O1 EDO E . 5.64 -7.46 17.24
C2 EDO E . 7.87 -7.32 16.30
O2 EDO E . 8.33 -8.38 17.14
C1 EDO F . -8.67 -10.17 -17.02
O1 EDO F . -8.50 -9.80 -15.66
C2 EDO F . -7.42 -9.81 -17.82
O2 EDO F . -6.27 -10.31 -17.14
C1 EDO G . -22.06 1.21 -6.82
O1 EDO G . -20.66 1.02 -7.10
C2 EDO G . -22.44 0.43 -5.57
O2 EDO G . -22.38 -0.97 -5.89
C1 EDO H . 25.91 4.87 2.96
O1 EDO H . 26.16 3.70 2.17
C2 EDO H . 27.02 4.99 4.00
O2 EDO H . 27.21 3.71 4.65
C1 EDO I . -10.58 -7.63 -15.17
O1 EDO I . -10.99 -8.62 -14.24
C2 EDO I . -11.78 -7.17 -15.98
O2 EDO I . -12.42 -8.30 -16.59
C1 EDO J . -8.20 -11.59 -8.04
C1 EDO J . -8.40 -11.76 -8.28
O1 EDO J . -7.44 -12.05 -6.92
O1 EDO J . -7.59 -12.88 -8.69
C2 EDO J . -9.67 -11.98 -7.84
C2 EDO J . -9.86 -12.17 -8.41
O2 EDO J . -9.73 -12.77 -6.65
O2 EDO J . -10.00 -13.46 -7.82
C1 EDO K . 11.43 -20.24 8.97
O1 EDO K . 12.02 -21.47 9.45
C2 EDO K . 12.28 -19.05 9.39
O2 EDO K . 12.24 -18.88 10.81
C1 EDO L . 2.45 1.97 4.49
O1 EDO L . 2.11 1.43 3.20
C2 EDO L . 1.47 3.02 4.89
O2 EDO L . 1.92 4.10 4.06
S SO4 M . -11.47 -5.04 22.64
O1 SO4 M . -12.68 -5.87 22.63
O2 SO4 M . -10.47 -5.66 21.78
O3 SO4 M . -11.76 -3.68 22.18
O4 SO4 M . -10.96 -4.98 24.02
NI NI N . 1.58 0.83 -0.87
CL CL O . -20.74 -2.43 -9.85
CAA FHW P . -3.23 -0.07 1.31
CAB FHW P . -3.74 0.23 2.60
CAC FHW P . -3.70 -0.73 3.61
CAD FHW P . -3.20 -2.02 3.40
CAE FHW P . -2.74 -2.32 2.12
CAF FHW P . -2.77 -1.36 1.12
CAK FHW P . -2.91 3.28 -0.32
CAL FHW P . -2.40 2.06 0.47
CAM FHW P . -0.92 1.73 0.04
CAQ FHW P . -3.32 0.91 0.20
NAG FHW P . -4.34 4.78 -0.98
NAH FHW P . -3.16 5.01 -1.57
NAI FHW P . -4.18 3.70 -0.17
NAJ FHW P . -2.27 4.08 -1.15
NAO FHW P . -0.12 2.62 0.65
NAP FHW P . 1.24 2.48 0.38
OAN FHW P . -0.54 0.77 -0.75
N1 EPE Q . -2.30 -11.17 -25.81
C2 EPE Q . -1.50 -9.97 -25.50
C3 EPE Q . -1.75 -8.92 -26.58
N4 EPE Q . -1.50 -9.43 -27.91
C5 EPE Q . -2.04 -10.75 -28.21
C6 EPE Q . -1.85 -11.76 -27.07
C7 EPE Q . -1.55 -8.48 -29.02
C8 EPE Q . -0.84 -7.15 -28.79
O8 EPE Q . 0.56 -7.33 -28.67
C9 EPE Q . -2.09 -12.17 -24.76
C10 EPE Q . -2.95 -11.76 -23.56
S EPE Q . -2.69 -12.84 -22.15
O1S EPE Q . -3.11 -14.21 -22.46
O2S EPE Q . -1.28 -12.80 -21.78
O3S EPE Q . -3.48 -12.31 -21.03
NAD I1L R . -4.46 0.19 0.61
NAD I1L R . -4.19 -0.97 1.57
NAB I1L R . -5.12 1.35 0.63
NAB I1L R . -4.57 -0.36 2.68
NAA I1L R . -4.22 2.34 0.41
NAA I1L R . -3.62 0.53 2.98
NAC I1L R . -3.01 1.78 0.25
NAC I1L R . -2.67 0.47 2.05
CAE I1L R . -3.18 0.46 0.37
CAE I1L R . -3.03 -0.45 1.20
CAF I1L R . -2.12 -0.66 0.27
CAF I1L R . -2.21 -0.86 -0.04
CAG I1L R . -0.68 -0.14 0.13
CAG I1L R . -0.77 -0.27 0.02
OAI I1L R . -0.37 0.67 -0.74
OAI I1L R . -0.44 0.59 -0.81
N I1L R . 0.22 -0.77 0.92
N I1L R . 0.14 -0.90 0.81
NAJ I1L R . 1.52 -0.36 0.83
NAJ I1L R . 1.41 -0.35 0.84
#